data_5RCB
#
_entry.id   5RCB
#
_cell.length_a   45.204
_cell.length_b   73.125
_cell.length_c   52.644
_cell.angle_alpha   90.000
_cell.angle_beta   109.320
_cell.angle_gamma   90.000
#
_symmetry.space_group_name_H-M   'P 1 21 1'
#
loop_
_entity.id
_entity.type
_entity.pdbx_description
1 polymer Endothiapepsin
2 non-polymer GLYCEROL
3 non-polymer 'ACETATE ION'
4 non-polymer 'DIMETHYL SULFOXIDE'
5 non-polymer '(2R)-2-(acetylamino)-4-phenylbutanoic acid'
6 non-polymer 'TETRAETHYLENE GLYCOL'
7 non-polymer 'SODIUM ION'
8 water water
#
_entity_poly.entity_id   1
_entity_poly.type   'polypeptide(L)'
_entity_poly.pdbx_seq_one_letter_code
;MSSPLKNALVTAMLAGGALSSPTKQHVGIPVNASPEVGPGKYSFKQVRNPNYKFNGPLSVKKTYLKYGVPIPAWLEDAVQ
NSTSGLAERSTGSATTTPIDSLDDAYITPVQIGTPAQTLNLDFDTGSSDLWVFSSETTASEVDGQTIYTPSKSTTAKLLS
GATWSISYGDGSSSSGDVYTDTVSVGGLTVTGQAVESAKKVSSSFTEDSTIDGLLGLAFSTLNTVSPTQQKTFFDNAKAS
LDSPVFTADLGYHAPGTYNFGFIDTTAYTGSITYTAVSTKQGFWEWTSTGYAVGSGTFKSTSIDGIADTGTTLLYLPATV
VSAYWAQVSGAKSSSSVGGYVFPCSATLPSFTFGVGSARIVIPGDYIDFGPISTGSSSCFGGIQSSAGIGINIFGDVALK
AAFVVFNGATTPTLGFASK
;
_entity_poly.pdbx_strand_id   A
#
loop_
_chem_comp.id
_chem_comp.type
_chem_comp.name
_chem_comp.formula
ACT non-polymer 'ACETATE ION' 'C2 H3 O2 -1'
DMS non-polymer 'DIMETHYL SULFOXIDE' 'C2 H6 O S'
GOL non-polymer GLYCEROL 'C3 H8 O3'
NA non-polymer 'SODIUM ION' 'Na 1'
PG4 non-polymer 'TETRAETHYLENE GLYCOL' 'C8 H18 O5'
RDM non-polymer '(2R)-2-(acetylamino)-4-phenylbutanoic acid' 'C12 H15 N O3'
#
# COMPACT_ATOMS: atom_id res chain seq x y z
N SER A 90 21.31 -7.69 11.19
CA SER A 90 20.81 -8.52 10.05
C SER A 90 20.02 -7.63 9.09
N THR A 91 19.85 -8.18 7.89
CA THR A 91 19.00 -7.54 6.86
C THR A 91 18.26 -8.63 6.11
N GLY A 92 17.27 -8.22 5.34
CA GLY A 92 16.65 -9.10 4.34
C GLY A 92 16.33 -8.32 3.10
N SER A 93 16.21 -8.99 1.98
CA SER A 93 15.85 -8.34 0.69
C SER A 93 15.09 -9.31 -0.15
N ALA A 94 13.87 -9.00 -0.54
CA ALA A 94 13.03 -9.92 -1.31
C ALA A 94 12.41 -9.16 -2.47
N THR A 95 12.30 -9.82 -3.59
CA THR A 95 11.62 -9.27 -4.76
C THR A 95 10.12 -9.42 -4.61
N THR A 96 9.39 -8.38 -4.97
CA THR A 96 7.91 -8.39 -4.98
C THR A 96 7.43 -8.24 -6.40
N THR A 97 6.43 -9.00 -6.79
CA THR A 97 6.04 -9.18 -8.20
C THR A 97 4.56 -8.89 -8.33
N PRO A 98 4.13 -8.03 -9.29
N PRO A 98 4.13 -8.09 -9.33
N PRO A 98 4.12 -8.04 -9.29
N PRO A 98 4.13 -8.09 -9.33
CA PRO A 98 2.70 -7.90 -9.58
CA PRO A 98 2.70 -7.81 -9.49
CA PRO A 98 2.70 -7.90 -9.58
CA PRO A 98 2.70 -7.81 -9.49
C PRO A 98 2.00 -9.24 -9.80
C PRO A 98 1.97 -9.12 -9.85
C PRO A 98 2.00 -9.24 -9.80
C PRO A 98 1.97 -9.12 -9.85
N ILE A 99 0.77 -9.33 -9.32
CA ILE A 99 -0.02 -10.56 -9.52
C ILE A 99 -0.63 -10.59 -10.90
N ASP A 100 -0.75 -9.48 -11.60
CA ASP A 100 -1.46 -9.43 -12.89
C ASP A 100 -0.97 -8.22 -13.63
N SER A 101 -1.53 -8.02 -14.84
CA SER A 101 -1.09 -6.96 -15.75
C SER A 101 -1.53 -5.57 -15.29
N LEU A 102 -2.33 -5.47 -14.27
CA LEU A 102 -2.80 -4.16 -13.77
C LEU A 102 -2.08 -3.76 -12.50
N ASP A 103 -1.18 -4.56 -11.98
CA ASP A 103 -0.58 -4.28 -10.64
C ASP A 103 -1.68 -4.23 -9.60
N ASP A 104 -2.59 -5.16 -9.64
CA ASP A 104 -3.66 -5.13 -8.63
C ASP A 104 -3.12 -5.36 -7.22
N ALA A 105 -2.07 -6.14 -7.10
CA ALA A 105 -1.40 -6.43 -5.83
C ALA A 105 -0.06 -6.97 -6.19
N TYR A 106 0.78 -7.15 -5.20
CA TYR A 106 2.15 -7.64 -5.34
C TYR A 106 2.34 -8.81 -4.36
N ILE A 107 3.03 -9.82 -4.82
CA ILE A 107 3.35 -10.99 -3.98
C ILE A 107 4.83 -11.12 -3.79
N THR A 108 5.20 -11.56 -2.61
CA THR A 108 6.58 -11.70 -2.17
C THR A 108 6.75 -13.09 -1.59
N PRO A 109 7.75 -13.88 -1.98
CA PRO A 109 7.88 -15.22 -1.44
C PRO A 109 8.39 -15.13 0.01
N VAL A 110 7.80 -16.00 0.83
CA VAL A 110 8.07 -16.08 2.27
C VAL A 110 8.27 -17.53 2.64
N GLN A 111 9.35 -17.82 3.36
CA GLN A 111 9.64 -19.20 3.83
C GLN A 111 9.07 -19.38 5.21
N ILE A 112 8.25 -20.39 5.38
CA ILE A 112 7.60 -20.68 6.69
C ILE A 112 7.93 -22.12 7.05
N GLY A 113 8.42 -22.31 8.26
CA GLY A 113 8.54 -23.70 8.77
C GLY A 113 9.86 -24.33 8.44
N THR A 114 9.99 -25.60 8.88
CA THR A 114 11.22 -26.40 8.72
C THR A 114 10.81 -27.80 8.34
N PRO A 115 11.16 -28.33 7.15
CA PRO A 115 11.84 -27.62 6.06
C PRO A 115 10.93 -26.48 5.57
N ALA A 116 11.53 -25.53 4.86
CA ALA A 116 10.79 -24.34 4.41
C ALA A 116 9.61 -24.75 3.54
N GLN A 117 8.50 -24.06 3.77
CA GLN A 117 7.36 -24.05 2.86
C GLN A 117 7.26 -22.62 2.31
N THR A 118 7.42 -22.44 1.04
CA THR A 118 7.43 -21.09 0.45
C THR A 118 6.02 -20.75 0.00
N LEU A 119 5.48 -19.67 0.55
CA LEU A 119 4.18 -19.14 0.16
C LEU A 119 4.38 -17.71 -0.36
N ASN A 120 3.55 -17.33 -1.30
CA ASN A 120 3.60 -15.98 -1.87
C ASN A 120 2.59 -15.08 -1.19
N LEU A 121 3.09 -14.14 -0.39
CA LEU A 121 2.22 -13.35 0.48
C LEU A 121 2.14 -11.92 -0.04
N ASP A 122 1.02 -11.31 0.24
CA ASP A 122 0.76 -9.90 -0.04
C ASP A 122 1.20 -9.07 1.16
N PHE A 123 2.30 -8.36 1.02
CA PHE A 123 2.83 -7.54 2.13
C PHE A 123 1.96 -6.30 2.23
N ASP A 124 1.39 -6.07 3.39
CA ASP A 124 0.31 -5.09 3.58
C ASP A 124 0.67 -4.15 4.70
N THR A 125 1.13 -2.95 4.39
CA THR A 125 1.43 -1.93 5.40
C THR A 125 0.17 -1.34 6.02
N GLY A 126 -0.99 -1.74 5.59
CA GLY A 126 -2.25 -1.34 6.21
C GLY A 126 -2.90 -2.37 7.12
N SER A 127 -2.22 -3.44 7.47
CA SER A 127 -2.78 -4.41 8.43
C SER A 127 -1.63 -5.07 9.15
N SER A 128 -1.96 -5.88 10.16
CA SER A 128 -0.94 -6.34 11.13
C SER A 128 -1.04 -7.82 11.43
N ASP A 129 -1.62 -8.59 10.56
CA ASP A 129 -1.74 -10.05 10.70
C ASP A 129 -0.94 -10.71 9.62
N LEU A 130 -0.20 -11.76 9.96
CA LEU A 130 0.46 -12.63 8.98
C LEU A 130 -0.41 -13.85 8.94
N TRP A 131 -1.22 -14.02 7.92
CA TRP A 131 -2.12 -15.17 7.83
C TRP A 131 -1.92 -15.86 6.51
N VAL A 132 -2.19 -17.14 6.50
CA VAL A 132 -1.92 -17.98 5.33
C VAL A 132 -3.05 -18.94 5.07
N PHE A 133 -3.27 -19.24 3.82
CA PHE A 133 -3.99 -20.47 3.43
C PHE A 133 -3.22 -21.64 4.01
N SER A 134 -3.98 -22.65 4.45
CA SER A 134 -3.36 -23.74 5.19
C SER A 134 -4.10 -25.05 4.95
N SER A 135 -3.52 -26.10 5.53
CA SER A 135 -4.17 -27.44 5.62
C SER A 135 -5.45 -27.36 6.43
N GLU A 136 -5.72 -26.30 7.15
CA GLU A 136 -6.95 -26.13 7.96
C GLU A 136 -8.00 -25.39 7.16
N THR A 137 -7.67 -24.79 6.02
CA THR A 137 -8.64 -23.92 5.33
C THR A 137 -9.74 -24.83 4.73
N THR A 138 -10.98 -24.45 4.95
CA THR A 138 -12.17 -25.14 4.37
C THR A 138 -11.88 -25.47 2.91
N ALA A 139 -12.00 -26.73 2.49
CA ALA A 139 -11.46 -27.19 1.20
C ALA A 139 -12.14 -26.42 0.05
N SER A 140 -13.43 -26.16 0.14
CA SER A 140 -14.19 -25.46 -0.92
C SER A 140 -13.74 -24.00 -1.08
N GLU A 141 -12.96 -23.47 -0.13
CA GLU A 141 -12.49 -22.08 -0.14
C GLU A 141 -11.05 -22.01 -0.65
N VAL A 142 -10.47 -23.11 -1.02
CA VAL A 142 -9.10 -23.11 -1.60
C VAL A 142 -9.24 -23.39 -3.09
N ASP A 143 -8.65 -22.58 -3.94
CA ASP A 143 -8.69 -22.77 -5.40
C ASP A 143 -7.35 -22.35 -6.00
N GLY A 144 -6.36 -23.19 -5.84
CA GLY A 144 -5.07 -22.97 -6.51
C GLY A 144 -4.00 -22.41 -5.60
N GLN A 145 -4.34 -21.89 -4.42
CA GLN A 145 -3.31 -21.32 -3.53
C GLN A 145 -2.39 -22.41 -3.05
N THR A 146 -1.15 -22.05 -2.73
CA THR A 146 -0.23 -22.91 -1.98
C THR A 146 -0.61 -22.80 -0.51
N ILE A 147 -0.65 -23.91 0.19
CA ILE A 147 -1.05 -23.92 1.61
C ILE A 147 0.14 -24.23 2.50
N TYR A 148 0.07 -23.65 3.69
CA TYR A 148 0.98 -23.99 4.80
C TYR A 148 0.38 -25.20 5.54
N THR A 149 1.22 -26.20 5.77
CA THR A 149 0.80 -27.42 6.50
C THR A 149 1.65 -27.49 7.77
N PRO A 150 1.14 -27.02 8.93
CA PRO A 150 1.95 -26.99 10.13
C PRO A 150 2.44 -28.38 10.57
N SER A 151 1.65 -29.40 10.28
CA SER A 151 2.02 -30.77 10.72
C SER A 151 3.28 -31.23 10.01
N LYS A 152 3.69 -30.61 8.90
CA LYS A 152 4.91 -30.98 8.18
C LYS A 152 6.09 -30.11 8.60
N SER A 153 5.92 -29.19 9.55
CA SER A 153 7.00 -28.32 10.01
C SER A 153 7.45 -28.77 11.38
N THR A 154 8.73 -29.04 11.51
CA THR A 154 9.28 -29.53 12.79
C THR A 154 9.35 -28.41 13.80
N THR A 155 9.23 -27.14 13.38
CA THR A 155 9.33 -25.96 14.26
C THR A 155 7.94 -25.37 14.54
N ALA A 156 6.88 -25.88 13.95
CA ALA A 156 5.54 -25.33 14.20
C ALA A 156 5.04 -25.75 15.59
N LYS A 157 4.38 -24.84 16.29
N LYS A 157 4.42 -24.83 16.29
N LYS A 157 4.38 -24.84 16.29
N LYS A 157 4.43 -24.83 16.30
CA LYS A 157 3.79 -25.10 17.64
CA LYS A 157 3.73 -25.14 17.56
CA LYS A 157 3.79 -25.10 17.64
CA LYS A 157 3.74 -25.14 17.57
C LYS A 157 2.43 -24.39 17.72
C LYS A 157 2.37 -24.44 17.54
C LYS A 157 2.44 -24.39 17.71
C LYS A 157 2.38 -24.44 17.55
N LEU A 158 1.33 -25.13 17.95
CA LEU A 158 0.01 -24.50 18.12
C LEU A 158 0.16 -23.45 19.20
N LEU A 159 -0.36 -22.27 18.96
CA LEU A 159 -0.46 -21.23 20.00
C LEU A 159 -1.82 -21.47 20.65
N SER A 160 -1.81 -22.27 21.72
N SER A 160 -1.78 -22.13 21.80
N SER A 160 -1.81 -22.27 21.72
N SER A 160 -1.78 -22.13 21.79
CA SER A 160 -3.06 -22.86 22.23
CA SER A 160 -2.97 -22.73 22.44
CA SER A 160 -3.05 -22.86 22.26
CA SER A 160 -2.97 -22.73 22.44
C SER A 160 -4.03 -21.77 22.71
C SER A 160 -4.04 -21.68 22.72
C SER A 160 -4.03 -21.77 22.71
C SER A 160 -4.04 -21.69 22.73
N GLY A 161 -5.26 -21.88 22.22
CA GLY A 161 -6.38 -21.02 22.57
C GLY A 161 -6.48 -19.78 21.72
N ALA A 162 -5.46 -19.50 20.89
CA ALA A 162 -5.45 -18.22 20.14
C ALA A 162 -6.29 -18.35 18.88
N THR A 163 -7.09 -17.34 18.62
CA THR A 163 -7.86 -17.25 17.36
C THR A 163 -7.65 -15.88 16.79
N TRP A 164 -8.08 -15.76 15.52
CA TRP A 164 -7.97 -14.46 14.83
C TRP A 164 -9.14 -14.35 13.85
N SER A 165 -9.45 -13.12 13.57
CA SER A 165 -10.54 -12.79 12.62
C SER A 165 -10.33 -11.36 12.17
N ILE A 166 -10.29 -11.19 10.85
CA ILE A 166 -10.00 -9.85 10.29
C ILE A 166 -10.95 -9.56 9.15
N SER A 167 -11.27 -8.28 9.05
CA SER A 167 -12.12 -7.71 7.98
C SER A 167 -11.33 -6.57 7.36
N TYR A 168 -11.21 -6.52 6.06
CA TYR A 168 -10.42 -5.47 5.38
C TYR A 168 -11.37 -4.39 4.87
N GLY A 169 -10.80 -3.26 4.45
CA GLY A 169 -11.52 -2.11 3.87
C GLY A 169 -12.35 -2.49 2.65
N ASP A 170 -11.96 -3.49 1.86
CA ASP A 170 -12.67 -3.93 0.64
C ASP A 170 -13.82 -4.89 0.97
N GLY A 171 -14.11 -5.18 2.24
CA GLY A 171 -15.18 -6.14 2.59
C GLY A 171 -14.73 -7.57 2.69
N SER A 172 -13.48 -7.89 2.35
CA SER A 172 -12.97 -9.27 2.44
C SER A 172 -12.64 -9.57 3.91
N SER A 173 -12.52 -10.86 4.17
CA SER A 173 -12.28 -11.34 5.56
C SER A 173 -11.70 -12.73 5.56
N SER A 174 -11.11 -13.04 6.74
CA SER A 174 -10.57 -14.37 6.98
C SER A 174 -10.48 -14.57 8.50
N SER A 175 -10.37 -15.82 8.89
CA SER A 175 -10.28 -16.14 10.33
C SER A 175 -9.70 -17.53 10.52
N GLY A 176 -9.25 -17.80 11.74
CA GLY A 176 -8.71 -19.12 12.02
C GLY A 176 -8.05 -19.20 13.38
N ASP A 177 -7.08 -20.10 13.42
CA ASP A 177 -6.27 -20.34 14.62
C ASP A 177 -4.82 -19.99 14.38
N VAL A 178 -3.90 -20.26 15.31
CA VAL A 178 -2.55 -19.63 15.25
C VAL A 178 -1.52 -20.64 15.59
N TYR A 179 -0.43 -20.66 14.86
CA TYR A 179 0.79 -21.41 15.15
C TYR A 179 1.92 -20.44 15.37
N THR A 180 2.94 -20.79 16.08
CA THR A 180 4.21 -20.09 15.96
C THR A 180 5.14 -20.94 15.12
N ASP A 181 5.99 -20.28 14.32
CA ASP A 181 6.93 -21.01 13.46
C ASP A 181 8.03 -20.04 13.08
N THR A 182 9.02 -20.60 12.41
CA THR A 182 10.13 -19.80 11.85
C THR A 182 9.69 -19.23 10.52
N VAL A 183 9.89 -17.93 10.34
CA VAL A 183 9.48 -17.24 9.09
C VAL A 183 10.69 -16.47 8.59
N SER A 184 10.99 -16.64 7.31
CA SER A 184 12.12 -15.92 6.69
C SER A 184 11.64 -15.17 5.47
N VAL A 185 12.11 -13.95 5.35
CA VAL A 185 11.82 -13.07 4.19
C VAL A 185 13.15 -12.59 3.66
N GLY A 186 13.48 -13.01 2.45
CA GLY A 186 14.67 -12.45 1.80
C GLY A 186 15.94 -12.68 2.59
N GLY A 187 16.03 -13.80 3.29
CA GLY A 187 17.21 -14.12 4.10
C GLY A 187 17.14 -13.66 5.53
N LEU A 188 16.16 -12.88 5.94
CA LEU A 188 15.97 -12.43 7.33
C LEU A 188 15.02 -13.38 8.03
N THR A 189 15.46 -13.97 9.13
CA THR A 189 14.68 -15.02 9.83
C THR A 189 14.19 -14.52 11.16
N VAL A 190 12.94 -14.81 11.45
CA VAL A 190 12.33 -14.61 12.78
C VAL A 190 11.89 -15.96 13.30
N THR A 191 12.31 -16.29 14.51
CA THR A 191 11.78 -17.48 15.17
C THR A 191 10.62 -17.09 16.04
N GLY A 192 9.68 -18.00 16.19
CA GLY A 192 8.52 -17.77 17.07
C GLY A 192 7.54 -16.77 16.49
N GLN A 193 7.49 -16.58 15.17
CA GLN A 193 6.52 -15.67 14.55
C GLN A 193 5.15 -16.30 14.63
N ALA A 194 4.14 -15.49 14.96
CA ALA A 194 2.75 -15.95 14.87
C ALA A 194 2.33 -16.09 13.40
N VAL A 195 2.00 -17.26 13.00
CA VAL A 195 1.51 -17.59 11.66
C VAL A 195 0.05 -17.96 11.83
N GLU A 196 -0.83 -17.09 11.36
CA GLU A 196 -2.28 -17.25 11.56
C GLU A 196 -2.80 -18.12 10.43
N SER A 197 -3.29 -19.28 10.76
CA SER A 197 -3.74 -20.30 9.83
C SER A 197 -5.19 -20.08 9.53
N ALA A 198 -5.59 -19.90 8.27
CA ALA A 198 -6.99 -19.64 7.96
C ALA A 198 -7.79 -20.93 8.01
N LYS A 199 -8.90 -20.86 8.73
CA LYS A 199 -9.96 -21.88 8.61
C LYS A 199 -10.99 -21.43 7.58
N LYS A 200 -11.22 -20.15 7.48
CA LYS A 200 -12.22 -19.57 6.57
C LYS A 200 -11.61 -18.37 5.88
N VAL A 201 -11.91 -18.24 4.60
CA VAL A 201 -11.56 -17.00 3.86
C VAL A 201 -12.78 -16.59 3.05
N SER A 202 -12.91 -15.32 2.77
CA SER A 202 -14.03 -14.83 1.93
C SER A 202 -13.72 -15.09 0.46
N SER A 203 -14.77 -14.92 -0.35
CA SER A 203 -14.73 -15.28 -1.77
C SER A 203 -13.61 -14.57 -2.51
N SER A 204 -13.33 -13.32 -2.21
CA SER A 204 -12.29 -12.56 -2.93
C SER A 204 -10.95 -13.27 -2.76
N PHE A 205 -10.65 -13.83 -1.59
CA PHE A 205 -9.38 -14.54 -1.38
C PHE A 205 -9.39 -15.82 -2.17
N THR A 206 -10.47 -16.61 -2.09
CA THR A 206 -10.54 -17.88 -2.80
C THR A 206 -10.29 -17.67 -4.29
N GLU A 207 -10.88 -16.61 -4.82
CA GLU A 207 -10.91 -16.34 -6.28
C GLU A 207 -9.54 -15.88 -6.74
N ASP A 208 -8.68 -15.47 -5.83
CA ASP A 208 -7.35 -14.99 -6.24
C ASP A 208 -6.30 -16.09 -5.96
N SER A 209 -6.03 -16.91 -6.93
CA SER A 209 -5.17 -18.10 -6.77
C SER A 209 -3.71 -17.70 -6.54
N THR A 210 -3.35 -16.45 -6.84
CA THR A 210 -1.96 -15.98 -6.80
C THR A 210 -1.54 -15.55 -5.40
N ILE A 211 -2.46 -15.31 -4.49
CA ILE A 211 -2.13 -14.78 -3.15
C ILE A 211 -2.35 -15.86 -2.13
N ASP A 212 -1.30 -16.30 -1.45
CA ASP A 212 -1.37 -17.41 -0.49
C ASP A 212 -1.61 -16.91 0.92
N GLY A 213 -1.71 -15.62 1.12
CA GLY A 213 -1.95 -15.00 2.43
C GLY A 213 -1.37 -13.62 2.46
N LEU A 214 -1.44 -12.99 3.62
CA LEU A 214 -1.01 -11.60 3.84
C LEU A 214 0.09 -11.57 4.87
N LEU A 215 1.00 -10.63 4.75
CA LEU A 215 1.98 -10.37 5.79
C LEU A 215 1.83 -8.92 6.17
N GLY A 216 1.25 -8.67 7.35
CA GLY A 216 0.93 -7.31 7.77
C GLY A 216 2.17 -6.59 8.30
N LEU A 217 2.27 -5.31 7.95
CA LEU A 217 3.40 -4.45 8.26
C LEU A 217 2.97 -3.15 8.88
N ALA A 218 1.71 -3.02 9.28
CA ALA A 218 1.27 -1.88 10.10
C ALA A 218 1.69 -2.14 11.55
N PHE A 219 1.22 -1.31 12.47
CA PHE A 219 1.69 -1.42 13.86
C PHE A 219 0.97 -2.59 14.52
N SER A 220 1.68 -3.23 15.47
CA SER A 220 1.16 -4.48 16.08
C SER A 220 -0.10 -4.27 16.92
N THR A 221 -0.41 -3.04 17.27
CA THR A 221 -1.66 -2.68 17.95
C THR A 221 -2.86 -3.05 17.14
N LEU A 222 -2.76 -3.24 15.81
CA LEU A 222 -3.90 -3.68 14.99
C LEU A 222 -4.01 -5.20 14.87
N ASN A 223 -3.07 -5.96 15.39
CA ASN A 223 -3.12 -7.42 15.21
C ASN A 223 -4.37 -7.99 15.84
N THR A 224 -5.02 -8.92 15.19
CA THR A 224 -6.35 -9.38 15.64
C THR A 224 -6.27 -10.63 16.50
N VAL A 225 -5.11 -11.17 16.81
CA VAL A 225 -5.10 -12.42 17.61
C VAL A 225 -5.63 -12.15 19.01
N SER A 226 -6.50 -13.06 19.44
CA SER A 226 -7.13 -13.04 20.78
C SER A 226 -6.90 -14.40 21.42
N PRO A 227 -6.70 -14.46 22.76
CA PRO A 227 -6.72 -13.34 23.69
C PRO A 227 -5.40 -12.62 23.90
N THR A 228 -4.34 -13.08 23.22
CA THR A 228 -2.99 -12.52 23.36
C THR A 228 -2.59 -11.94 22.00
N GLN A 229 -2.61 -10.62 21.88
CA GLN A 229 -2.23 -9.97 20.61
C GLN A 229 -0.81 -10.36 20.28
N GLN A 230 -0.54 -10.52 18.97
CA GLN A 230 0.76 -10.93 18.46
C GLN A 230 1.45 -9.79 17.72
N LYS A 231 2.76 -9.92 17.61
CA LYS A 231 3.60 -8.96 16.88
C LYS A 231 3.75 -9.28 15.40
N THR A 232 3.88 -8.21 14.60
CA THR A 232 4.21 -8.38 13.19
C THR A 232 5.62 -8.94 13.00
N PHE A 233 5.84 -9.43 11.81
CA PHE A 233 7.18 -9.89 11.40
C PHE A 233 8.20 -8.78 11.60
N PHE A 234 7.86 -7.55 11.22
CA PHE A 234 8.79 -6.42 11.36
C PHE A 234 9.06 -6.16 12.83
N ASP A 235 8.03 -6.10 13.67
N ASP A 235 8.00 -6.12 13.63
CA ASP A 235 8.31 -5.83 15.10
CA ASP A 235 8.14 -5.84 15.07
C ASP A 235 9.15 -6.95 15.69
C ASP A 235 9.05 -6.89 15.70
N ASN A 236 8.91 -8.19 15.35
CA ASN A 236 9.77 -9.26 15.88
C ASN A 236 11.18 -9.15 15.34
N ALA A 237 11.38 -8.74 14.10
CA ALA A 237 12.73 -8.64 13.51
C ALA A 237 13.52 -7.44 13.99
N LYS A 238 12.83 -6.40 14.42
N LYS A 238 12.82 -6.43 14.48
N LYS A 238 12.84 -6.39 14.42
N LYS A 238 12.82 -6.43 14.47
CA LYS A 238 13.43 -5.03 14.54
CA LYS A 238 13.33 -5.04 14.64
CA LYS A 238 13.42 -5.04 14.53
CA LYS A 238 13.32 -5.03 14.65
C LYS A 238 14.74 -5.06 15.30
C LYS A 238 14.67 -4.96 15.37
C LYS A 238 14.74 -5.04 15.31
C LYS A 238 14.66 -4.96 15.36
N ALA A 239 14.75 -5.61 16.52
CA ALA A 239 15.91 -5.50 17.41
C ALA A 239 17.12 -6.13 16.71
N SER A 240 16.92 -7.12 15.83
CA SER A 240 18.02 -7.83 15.11
C SER A 240 18.49 -7.03 13.90
N LEU A 241 17.69 -6.09 13.40
CA LEU A 241 18.03 -5.42 12.14
C LEU A 241 19.17 -4.43 12.29
N ASP A 242 19.91 -4.22 11.25
CA ASP A 242 21.00 -3.20 11.29
C ASP A 242 20.44 -1.81 11.56
N SER A 243 19.24 -1.52 11.06
N SER A 243 19.30 -1.49 10.95
N SER A 243 19.25 -1.52 11.04
N SER A 243 19.30 -1.49 10.95
CA SER A 243 18.52 -0.24 11.23
CA SER A 243 18.51 -0.26 11.22
CA SER A 243 18.53 -0.24 11.22
CA SER A 243 18.51 -0.26 11.22
C SER A 243 17.06 -0.61 11.31
C SER A 243 17.04 -0.65 11.32
C SER A 243 17.05 -0.62 11.30
C SER A 243 17.04 -0.65 11.32
N PRO A 244 16.24 0.02 12.18
CA PRO A 244 14.87 -0.43 12.40
C PRO A 244 13.89 0.09 11.33
N VAL A 245 14.10 -0.37 10.12
CA VAL A 245 13.41 0.14 8.94
C VAL A 245 13.07 -0.98 8.01
N PHE A 246 12.07 -0.75 7.17
CA PHE A 246 11.91 -1.53 5.95
C PHE A 246 11.58 -0.55 4.83
N THR A 247 11.82 -0.95 3.60
CA THR A 247 11.55 -0.08 2.46
C THR A 247 10.72 -0.81 1.44
N ALA A 248 9.84 -0.07 0.80
CA ALA A 248 9.00 -0.56 -0.29
C ALA A 248 9.38 0.12 -1.56
N ASP A 249 9.71 -0.66 -2.57
CA ASP A 249 10.10 -0.16 -3.87
C ASP A 249 9.29 -0.90 -4.91
N LEU A 250 8.04 -0.52 -5.08
CA LEU A 250 7.11 -1.25 -5.93
C LEU A 250 7.33 -0.85 -7.38
N GLY A 251 7.23 -1.80 -8.28
CA GLY A 251 7.37 -1.55 -9.70
C GLY A 251 6.07 -1.20 -10.38
N TYR A 252 6.15 -0.48 -11.48
CA TYR A 252 5.04 -0.23 -12.39
C TYR A 252 5.12 -1.28 -13.47
N HIS A 253 4.18 -2.21 -13.45
CA HIS A 253 4.15 -3.30 -14.43
C HIS A 253 5.48 -4.03 -14.42
N ALA A 254 6.09 -4.22 -13.25
CA ALA A 254 7.42 -4.81 -13.17
C ALA A 254 7.64 -5.20 -11.72
N PRO A 255 8.55 -6.13 -11.47
CA PRO A 255 8.95 -6.45 -10.10
C PRO A 255 9.62 -5.28 -9.40
N GLY A 256 9.60 -5.37 -8.07
CA GLY A 256 10.24 -4.40 -7.20
C GLY A 256 10.81 -5.13 -6.01
N THR A 257 11.04 -4.42 -4.91
CA THR A 257 11.80 -4.94 -3.79
C THR A 257 11.24 -4.46 -2.46
N TYR A 258 11.20 -5.37 -1.50
CA TYR A 258 11.07 -5.04 -0.06
C TYR A 258 12.39 -5.35 0.59
N ASN A 259 12.97 -4.34 1.22
CA ASN A 259 14.18 -4.54 2.03
C ASN A 259 13.90 -4.33 3.48
N PHE A 260 14.58 -5.06 4.34
CA PHE A 260 14.47 -4.94 5.79
C PHE A 260 15.84 -4.67 6.38
N GLY A 261 15.93 -3.61 7.16
CA GLY A 261 17.13 -3.34 7.95
C GLY A 261 18.12 -2.46 7.31
N PHE A 262 17.91 -1.96 6.09
CA PHE A 262 18.87 -1.09 5.44
C PHE A 262 18.16 -0.29 4.37
N ILE A 263 18.77 0.81 4.00
N ILE A 263 18.79 0.83 4.03
N ILE A 263 18.76 0.82 3.99
N ILE A 263 18.69 0.88 4.09
CA ILE A 263 18.26 1.67 2.91
CA ILE A 263 18.48 1.70 2.84
CA ILE A 263 18.20 1.74 2.95
CA ILE A 263 18.27 1.76 2.96
C ILE A 263 19.24 1.59 1.75
C ILE A 263 19.39 1.35 1.69
C ILE A 263 19.18 1.68 1.75
C ILE A 263 19.25 1.50 1.80
N ASP A 264 18.78 1.05 0.62
CA ASP A 264 19.60 0.87 -0.59
C ASP A 264 19.72 2.22 -1.25
N THR A 265 20.88 2.89 -1.09
CA THR A 265 21.06 4.24 -1.64
C THR A 265 21.16 4.20 -3.15
N THR A 266 21.23 3.06 -3.80
CA THR A 266 21.25 2.95 -5.27
C THR A 266 19.85 2.89 -5.85
N ALA A 267 18.83 2.75 -5.01
CA ALA A 267 17.47 2.41 -5.46
C ALA A 267 16.60 3.66 -5.69
N TYR A 268 17.13 4.85 -5.47
N TYR A 268 17.13 4.85 -5.47
N TYR A 268 17.10 4.85 -5.36
N TYR A 268 17.10 4.85 -5.37
CA TYR A 268 16.34 6.09 -5.59
CA TYR A 268 16.34 6.09 -5.59
CA TYR A 268 16.34 6.10 -5.53
CA TYR A 268 16.34 6.10 -5.53
C TYR A 268 17.25 7.22 -6.04
C TYR A 268 17.25 7.22 -6.04
C TYR A 268 17.24 7.17 -6.14
C TYR A 268 17.23 7.16 -6.15
N THR A 269 16.63 8.26 -6.56
CA THR A 269 17.32 9.43 -7.09
C THR A 269 17.13 10.54 -6.08
N GLY A 270 18.04 11.51 -6.14
N GLY A 270 18.06 11.49 -6.09
N GLY A 270 18.04 11.52 -6.06
N GLY A 270 18.04 11.51 -5.99
CA GLY A 270 18.00 12.69 -5.25
CA GLY A 270 18.00 12.67 -5.22
CA GLY A 270 17.91 12.68 -5.14
CA GLY A 270 17.85 12.66 -5.08
C GLY A 270 18.05 12.27 -3.80
C GLY A 270 18.00 12.27 -3.75
C GLY A 270 17.99 12.25 -3.69
C GLY A 270 17.88 12.25 -3.61
N SER A 271 17.33 12.98 -2.96
N SER A 271 17.26 13.01 -2.94
N SER A 271 17.25 12.91 -2.80
N SER A 271 17.13 12.93 -2.74
CA SER A 271 17.37 12.74 -1.51
CA SER A 271 17.26 12.82 -1.47
CA SER A 271 17.30 12.61 -1.35
CA SER A 271 17.13 12.71 -1.26
C SER A 271 16.02 12.15 -1.06
C SER A 271 15.96 12.15 -1.04
C SER A 271 15.93 12.09 -0.87
C SER A 271 15.81 12.08 -0.79
N ILE A 272 16.01 11.60 0.13
N ILE A 272 15.99 11.57 0.13
N ILE A 272 15.92 11.48 0.31
N ILE A 272 15.85 11.43 0.36
CA ILE A 272 14.77 11.09 0.77
CA ILE A 272 14.75 11.06 0.79
CA ILE A 272 14.69 10.95 0.98
CA ILE A 272 14.65 10.89 1.05
C ILE A 272 14.24 12.22 1.65
C ILE A 272 14.23 12.20 1.67
C ILE A 272 14.15 12.03 1.92
C ILE A 272 14.10 11.98 1.97
N THR A 273 12.95 12.51 1.52
N THR A 273 12.96 12.52 1.52
N THR A 273 12.88 12.41 1.76
N THR A 273 12.85 12.38 1.79
CA THR A 273 12.27 13.49 2.40
CA THR A 273 12.27 13.49 2.40
CA THR A 273 12.23 13.38 2.68
CA THR A 273 12.22 13.37 2.70
C THR A 273 11.46 12.73 3.43
C THR A 273 11.46 12.72 3.43
C THR A 273 11.42 12.60 3.71
C THR A 273 11.40 12.60 3.73
N TYR A 274 11.80 12.92 4.70
N TYR A 274 11.80 12.92 4.70
N TYR A 274 11.73 12.81 4.98
N TYR A 274 11.76 12.78 4.99
CA TYR A 274 11.10 12.25 5.82
CA TYR A 274 11.10 12.25 5.82
CA TYR A 274 11.05 12.12 6.09
CA TYR A 274 11.09 12.08 6.09
C TYR A 274 9.97 13.15 6.33
C TYR A 274 9.97 13.15 6.33
C TYR A 274 9.98 13.02 6.66
C TYR A 274 10.05 12.98 6.70
N THR A 275 8.92 12.50 6.79
N THR A 275 8.92 12.50 6.79
N THR A 275 8.84 12.41 6.94
N THR A 275 8.91 12.37 7.01
CA THR A 275 7.71 13.19 7.28
CA THR A 275 7.71 13.19 7.28
CA THR A 275 7.62 13.06 7.46
CA THR A 275 7.67 13.02 7.48
C THR A 275 7.16 12.46 8.49
C THR A 275 7.16 12.46 8.49
C THR A 275 7.14 12.26 8.67
C THR A 275 7.16 12.22 8.68
N ALA A 276 6.46 13.19 9.36
N ALA A 276 6.46 13.19 9.36
N ALA A 276 6.70 12.96 9.69
N ALA A 276 6.71 12.94 9.69
CA ALA A 276 5.97 12.66 10.64
CA ALA A 276 5.97 12.65 10.64
CA ALA A 276 6.31 12.31 10.95
CA ALA A 276 6.33 12.29 10.94
C ALA A 276 4.89 11.59 10.45
C ALA A 276 4.89 11.59 10.45
C ALA A 276 5.16 11.34 10.71
C ALA A 276 5.17 11.33 10.72
N VAL A 277 4.84 10.66 11.38
N VAL A 277 4.84 10.66 11.38
N VAL A 277 5.22 10.20 11.37
N VAL A 277 5.24 10.18 11.37
CA VAL A 277 3.83 9.57 11.39
CA VAL A 277 3.83 9.57 11.39
CA VAL A 277 4.12 9.21 11.42
CA VAL A 277 4.12 9.22 11.43
C VAL A 277 3.05 9.66 12.69
C VAL A 277 3.05 9.66 12.69
C VAL A 277 3.37 9.35 12.74
C VAL A 277 3.37 9.36 12.75
N SER A 278 1.74 9.48 12.60
N SER A 278 1.74 9.48 12.60
N SER A 278 2.04 9.32 12.65
N SER A 278 2.04 9.34 12.67
CA SER A 278 0.92 9.16 13.79
CA SER A 278 0.92 9.16 13.79
CA SER A 278 1.11 9.17 13.80
CA SER A 278 1.08 9.18 13.80
C SER A 278 0.68 7.66 13.82
C SER A 278 0.68 7.66 13.82
C SER A 278 0.61 7.73 13.85
C SER A 278 0.61 7.73 13.84
N THR A 279 0.87 7.03 14.96
CA THR A 279 0.49 5.63 15.17
C THR A 279 -0.85 5.50 15.89
N LYS A 280 -1.55 6.60 16.07
CA LYS A 280 -2.78 6.62 16.89
C LYS A 280 -3.85 5.66 16.37
N GLN A 281 -3.94 5.40 15.07
CA GLN A 281 -4.91 4.47 14.51
C GLN A 281 -4.22 3.16 14.12
N GLY A 282 -2.94 2.99 14.44
CA GLY A 282 -2.21 1.75 14.12
C GLY A 282 -1.65 1.70 12.72
N PHE A 283 -1.80 2.76 11.95
CA PHE A 283 -1.34 2.79 10.55
C PHE A 283 -0.11 3.65 10.44
N TRP A 284 0.54 3.56 9.26
CA TRP A 284 1.59 4.49 8.85
C TRP A 284 0.89 5.73 8.33
N GLU A 285 0.43 6.60 9.23
N GLU A 285 0.43 6.60 9.23
N GLU A 285 0.32 6.47 9.27
N GLU A 285 0.31 6.47 9.27
CA GLU A 285 -0.43 7.75 8.91
CA GLU A 285 -0.44 7.75 8.91
CA GLU A 285 -0.48 7.68 9.02
CA GLU A 285 -0.49 7.68 9.00
C GLU A 285 0.40 9.02 8.91
C GLU A 285 0.40 9.02 8.91
C GLU A 285 0.43 8.90 8.99
C GLU A 285 0.43 8.90 8.99
N TRP A 286 0.31 9.79 7.84
N TRP A 286 0.31 9.79 7.84
N TRP A 286 0.16 9.79 8.06
N TRP A 286 0.16 9.79 8.06
CA TRP A 286 1.15 10.97 7.64
CA TRP A 286 1.14 10.96 7.63
CA TRP A 286 1.04 10.94 7.79
CA TRP A 286 1.03 10.94 7.79
C TRP A 286 0.29 12.06 7.03
C TRP A 286 0.29 12.06 7.03
C TRP A 286 0.21 12.06 7.15
C TRP A 286 0.21 12.05 7.14
N THR A 287 0.86 13.22 6.84
N THR A 287 0.86 13.22 6.84
N THR A 287 0.86 13.18 6.84
N THR A 287 0.88 13.18 6.84
CA THR A 287 0.09 14.32 6.22
CA THR A 287 0.09 14.32 6.22
CA THR A 287 0.20 14.38 6.26
CA THR A 287 0.22 14.38 6.26
C THR A 287 0.86 14.84 5.02
C THR A 287 0.86 14.84 5.02
C THR A 287 0.93 14.83 4.99
C THR A 287 0.93 14.82 4.99
N SER A 288 0.30 14.62 3.83
CA SER A 288 0.83 15.20 2.59
C SER A 288 0.60 16.71 2.61
N THR A 289 1.50 17.43 1.98
CA THR A 289 1.46 18.90 1.97
C THR A 289 0.70 19.42 0.77
N GLY A 290 0.18 18.61 -0.14
CA GLY A 290 -0.70 19.14 -1.20
C GLY A 290 -0.58 18.35 -2.48
N TYR A 291 -1.08 18.92 -3.56
CA TYR A 291 -1.11 18.16 -4.80
C TYR A 291 -1.11 19.09 -5.98
N ALA A 292 -0.80 18.52 -7.13
CA ALA A 292 -0.97 19.21 -8.43
C ALA A 292 -1.55 18.21 -9.41
N VAL A 293 -2.28 18.69 -10.39
CA VAL A 293 -2.82 17.87 -11.49
C VAL A 293 -2.07 18.21 -12.74
N GLY A 294 -1.45 17.27 -13.38
CA GLY A 294 -0.67 17.51 -14.59
C GLY A 294 0.34 18.60 -14.37
N SER A 295 0.41 19.54 -15.32
N SER A 295 0.35 19.55 -15.31
N SER A 295 0.40 19.53 -15.32
N SER A 295 0.34 19.55 -15.31
CA SER A 295 1.35 20.68 -15.25
CA SER A 295 1.28 20.71 -15.35
CA SER A 295 1.32 20.69 -15.29
CA SER A 295 1.26 20.72 -15.36
C SER A 295 0.72 21.87 -14.53
C SER A 295 0.80 21.83 -14.41
C SER A 295 0.72 21.86 -14.52
C SER A 295 0.79 21.83 -14.41
N GLY A 296 -0.38 21.67 -13.79
CA GLY A 296 -1.01 22.72 -13.02
C GLY A 296 -0.22 23.15 -11.79
N THR A 297 -0.67 24.26 -11.22
CA THR A 297 -0.07 24.82 -10.02
C THR A 297 -0.24 23.85 -8.84
N PHE A 298 0.70 23.82 -7.96
CA PHE A 298 0.61 23.03 -6.75
C PHE A 298 -0.32 23.70 -5.76
N LYS A 299 -1.27 22.98 -5.23
CA LYS A 299 -2.20 23.40 -4.20
C LYS A 299 -1.65 22.96 -2.86
N SER A 300 -1.29 23.90 -2.00
CA SER A 300 -0.80 23.63 -0.64
C SER A 300 -2.00 23.33 0.23
N THR A 301 -2.12 22.13 0.75
CA THR A 301 -3.27 21.74 1.57
C THR A 301 -2.85 20.48 2.30
N SER A 302 -3.20 20.37 3.55
CA SER A 302 -2.86 19.16 4.35
C SER A 302 -3.78 18.02 4.04
N ILE A 303 -3.25 16.87 3.65
CA ILE A 303 -4.07 15.66 3.38
C ILE A 303 -3.54 14.56 4.24
N ASP A 304 -4.28 14.22 5.30
N ASP A 304 -4.26 14.27 5.31
N ASP A 304 -4.31 14.21 5.28
N ASP A 304 -4.26 14.27 5.31
CA ASP A 304 -3.94 13.13 6.24
CA ASP A 304 -3.91 13.15 6.20
CA ASP A 304 -3.94 13.13 6.24
CA ASP A 304 -3.88 13.15 6.20
C ASP A 304 -4.32 11.79 5.62
C ASP A 304 -4.22 11.88 5.42
C ASP A 304 -4.33 11.77 5.66
C ASP A 304 -4.23 11.86 5.47
N GLY A 305 -3.36 10.86 5.51
CA GLY A 305 -3.68 9.57 4.96
C GLY A 305 -2.71 8.52 5.38
N ILE A 306 -2.90 7.31 4.91
CA ILE A 306 -2.04 6.18 5.30
C ILE A 306 -1.26 5.68 4.10
N ALA A 307 -0.05 5.22 4.34
CA ALA A 307 0.75 4.54 3.33
C ALA A 307 0.41 3.08 3.38
N ASP A 308 -0.29 2.56 2.36
CA ASP A 308 -0.89 1.20 2.41
C ASP A 308 -0.54 0.38 1.18
N THR A 309 0.46 -0.48 1.31
CA THR A 309 0.86 -1.30 0.17
C THR A 309 -0.18 -2.33 -0.20
N GLY A 310 -1.11 -2.61 0.68
CA GLY A 310 -2.15 -3.59 0.43
C GLY A 310 -3.39 -3.02 -0.22
N THR A 311 -3.41 -1.75 -0.56
CA THR A 311 -4.52 -1.11 -1.30
C THR A 311 -4.01 -0.79 -2.69
N THR A 312 -4.78 -1.14 -3.71
CA THR A 312 -4.29 -0.93 -5.09
C THR A 312 -4.23 0.55 -5.47
N LEU A 313 -5.30 1.28 -5.18
CA LEU A 313 -5.51 2.62 -5.73
C LEU A 313 -5.16 3.73 -4.76
N LEU A 314 -5.26 4.96 -5.25
CA LEU A 314 -5.04 6.19 -4.46
C LEU A 314 -6.41 6.77 -4.15
N TYR A 315 -6.76 6.82 -2.87
CA TYR A 315 -8.06 7.33 -2.40
C TYR A 315 -7.85 8.65 -1.69
N LEU A 316 -8.44 9.71 -2.22
CA LEU A 316 -8.21 11.09 -1.73
C LEU A 316 -9.53 11.79 -1.59
N PRO A 317 -9.53 12.97 -0.95
CA PRO A 317 -10.79 13.67 -0.76
C PRO A 317 -11.49 13.99 -2.08
N ALA A 318 -12.81 14.07 -2.04
CA ALA A 318 -13.60 14.25 -3.25
C ALA A 318 -13.21 15.52 -3.96
N THR A 319 -12.86 16.58 -3.28
CA THR A 319 -12.45 17.82 -3.95
C THR A 319 -11.24 17.58 -4.85
N VAL A 320 -10.26 16.86 -4.30
CA VAL A 320 -8.98 16.63 -5.01
C VAL A 320 -9.26 15.74 -6.21
N VAL A 321 -10.04 14.69 -6.00
CA VAL A 321 -10.31 13.72 -7.06
C VAL A 321 -11.12 14.36 -8.19
N SER A 322 -12.11 15.19 -7.84
CA SER A 322 -12.88 15.92 -8.86
C SER A 322 -11.93 16.82 -9.65
N ALA A 323 -11.03 17.51 -9.01
CA ALA A 323 -10.10 18.38 -9.73
C ALA A 323 -9.25 17.57 -10.69
N TYR A 324 -8.83 16.38 -10.33
CA TYR A 324 -8.05 15.54 -11.24
C TYR A 324 -8.89 15.14 -12.45
N TRP A 325 -10.03 14.52 -12.23
CA TRP A 325 -10.79 13.94 -13.35
C TRP A 325 -11.42 15.02 -14.22
N ALA A 326 -11.58 16.22 -13.72
CA ALA A 326 -12.07 17.36 -14.55
C ALA A 326 -11.09 17.62 -15.69
N GLN A 327 -9.86 17.18 -15.59
CA GLN A 327 -8.86 17.41 -16.65
C GLN A 327 -8.87 16.30 -17.66
N VAL A 328 -9.80 15.35 -17.61
CA VAL A 328 -9.85 14.22 -18.55
C VAL A 328 -11.21 14.28 -19.24
N SER A 329 -11.21 14.55 -20.55
N SER A 329 -11.20 14.56 -20.55
N SER A 329 -11.20 14.55 -20.54
N SER A 329 -11.19 14.55 -20.56
CA SER A 329 -12.47 14.71 -21.29
CA SER A 329 -12.41 14.65 -21.38
CA SER A 329 -12.43 14.66 -21.37
CA SER A 329 -12.40 14.62 -21.42
C SER A 329 -13.23 13.39 -21.28
C SER A 329 -13.23 13.36 -21.27
C SER A 329 -13.23 13.37 -21.26
C SER A 329 -13.22 13.34 -21.26
N GLY A 330 -14.48 13.48 -20.87
CA GLY A 330 -15.38 12.37 -20.78
C GLY A 330 -15.28 11.59 -19.49
N ALA A 331 -14.43 11.96 -18.54
CA ALA A 331 -14.39 11.22 -17.26
C ALA A 331 -15.60 11.58 -16.43
N LYS A 332 -16.08 10.61 -15.66
CA LYS A 332 -17.24 10.82 -14.81
C LYS A 332 -17.19 9.81 -13.69
N SER A 333 -17.90 10.13 -12.62
CA SER A 333 -18.11 9.19 -11.53
C SER A 333 -19.36 8.39 -11.85
N SER A 334 -19.24 7.07 -11.77
N SER A 334 -19.21 7.06 -11.80
N SER A 334 -19.25 7.06 -11.84
N SER A 334 -19.19 7.11 -12.08
CA SER A 334 -20.31 6.06 -12.09
CA SER A 334 -20.22 6.04 -12.13
CA SER A 334 -20.39 6.14 -12.01
CA SER A 334 -20.30 6.22 -12.43
C SER A 334 -20.72 5.30 -10.83
C SER A 334 -20.64 5.27 -10.85
C SER A 334 -20.62 5.35 -10.73
C SER A 334 -20.84 5.62 -11.12
N SER A 335 -22.01 5.35 -10.47
N SER A 335 -21.88 5.45 -10.43
N SER A 335 -21.75 5.58 -10.06
N SER A 335 -22.08 5.92 -10.75
CA SER A 335 -22.59 4.55 -9.37
CA SER A 335 -22.51 4.69 -9.33
CA SER A 335 -22.17 4.79 -8.89
CA SER A 335 -22.64 5.31 -9.53
C SER A 335 -22.63 3.06 -9.74
C SER A 335 -22.61 3.20 -9.71
C SER A 335 -22.39 3.33 -9.32
C SER A 335 -22.82 3.80 -9.75
N SER A 336 -22.88 2.73 -11.01
N SER A 336 -22.82 2.90 -10.99
N SER A 336 -22.89 3.10 -10.53
N SER A 336 -23.04 3.31 -10.98
CA SER A 336 -22.95 1.33 -11.52
CA SER A 336 -22.98 1.53 -11.53
CA SER A 336 -23.15 1.73 -11.03
CA SER A 336 -23.23 1.85 -11.22
C SER A 336 -21.60 0.63 -11.31
C SER A 336 -21.67 0.74 -11.39
C SER A 336 -21.83 0.99 -11.22
C SER A 336 -21.87 1.12 -11.22
N VAL A 337 -20.52 1.33 -11.61
N VAL A 337 -20.54 1.42 -11.60
N VAL A 337 -20.81 1.63 -11.78
N VAL A 337 -20.83 1.69 -11.82
CA VAL A 337 -19.15 0.77 -11.58
CA VAL A 337 -19.20 0.79 -11.59
CA VAL A 337 -19.49 0.95 -11.94
CA VAL A 337 -19.52 0.97 -11.93
C VAL A 337 -18.57 0.97 -10.18
C VAL A 337 -18.59 0.98 -10.19
C VAL A 337 -18.73 0.92 -10.60
C VAL A 337 -18.79 0.97 -10.60
N GLY A 338 -18.97 2.08 -9.53
N GLY A 338 -18.97 2.08 -9.53
N GLY A 338 -18.85 1.96 -9.78
N GLY A 338 -18.90 2.02 -9.79
CA GLY A 338 -18.55 2.46 -8.17
CA GLY A 338 -18.54 2.44 -8.17
CA GLY A 338 -18.16 2.02 -8.48
CA GLY A 338 -18.22 2.08 -8.49
C GLY A 338 -17.24 3.23 -8.16
C GLY A 338 -17.24 3.22 -8.16
C GLY A 338 -17.03 3.05 -8.43
C GLY A 338 -17.07 3.08 -8.43
N GLY A 339 -16.96 3.98 -9.22
N GLY A 339 -16.96 3.98 -9.22
N GLY A 339 -17.18 4.20 -9.13
N GLY A 339 -17.20 4.23 -9.12
CA GLY A 339 -15.88 4.96 -9.15
CA GLY A 339 -15.88 4.96 -9.15
CA GLY A 339 -16.25 5.34 -9.06
CA GLY A 339 -16.25 5.35 -9.05
C GLY A 339 -15.83 5.74 -10.42
C GLY A 339 -15.83 5.74 -10.42
C GLY A 339 -16.00 6.00 -10.39
C GLY A 339 -16.00 6.00 -10.39
N TYR A 340 -14.86 6.65 -10.49
CA TYR A 340 -14.52 7.39 -11.70
C TYR A 340 -14.05 6.44 -12.78
N VAL A 341 -14.65 6.62 -13.95
N VAL A 341 -14.65 6.62 -13.95
N VAL A 341 -14.63 6.70 -13.96
N VAL A 341 -14.63 6.70 -13.96
CA VAL A 341 -14.23 5.97 -15.20
CA VAL A 341 -14.23 5.97 -15.20
CA VAL A 341 -14.39 6.00 -15.24
CA VAL A 341 -14.39 6.00 -15.24
C VAL A 341 -13.90 7.07 -16.20
C VAL A 341 -13.90 7.07 -16.20
C VAL A 341 -14.02 7.05 -16.28
C VAL A 341 -14.02 7.05 -16.28
N PHE A 342 -13.25 6.65 -17.27
CA PHE A 342 -12.80 7.59 -18.30
C PHE A 342 -12.72 6.83 -19.60
N PRO A 343 -12.76 7.58 -20.74
CA PRO A 343 -12.63 6.90 -22.03
C PRO A 343 -11.28 6.27 -22.17
N CYS A 344 -11.28 5.02 -22.63
CA CYS A 344 -10.00 4.35 -22.80
C CYS A 344 -9.12 5.05 -23.85
N SER A 345 -9.68 5.88 -24.69
CA SER A 345 -8.89 6.67 -25.67
C SER A 345 -8.16 7.82 -25.04
N ALA A 346 -8.39 8.17 -23.78
CA ALA A 346 -7.77 9.34 -23.15
C ALA A 346 -6.31 9.11 -22.86
N THR A 347 -5.55 10.20 -22.88
CA THR A 347 -4.21 10.29 -22.26
C THR A 347 -4.38 10.95 -20.90
N LEU A 348 -3.98 10.29 -19.81
CA LEU A 348 -4.23 10.83 -18.46
C LEU A 348 -3.11 11.77 -18.06
N PRO A 349 -3.44 12.83 -17.32
CA PRO A 349 -2.42 13.69 -16.73
C PRO A 349 -1.74 13.01 -15.54
N SER A 350 -0.54 13.46 -15.23
CA SER A 350 0.10 13.05 -14.00
C SER A 350 -0.62 13.61 -12.79
N PHE A 351 -0.23 13.12 -11.63
CA PHE A 351 -0.72 13.61 -10.35
C PHE A 351 0.48 13.74 -9.44
N THR A 352 0.67 14.91 -8.84
CA THR A 352 1.78 15.14 -7.92
C THR A 352 1.25 15.21 -6.50
N PHE A 353 1.91 14.59 -5.54
CA PHE A 353 1.61 14.82 -4.13
C PHE A 353 2.85 15.32 -3.40
N GLY A 354 2.60 16.14 -2.37
CA GLY A 354 3.67 16.73 -1.59
C GLY A 354 4.06 15.90 -0.40
N VAL A 355 5.37 15.86 -0.16
CA VAL A 355 5.96 15.29 1.07
C VAL A 355 6.86 16.37 1.59
N GLY A 356 6.43 17.10 2.61
N GLY A 356 6.43 17.09 2.62
N GLY A 356 6.43 17.08 2.63
N GLY A 356 6.44 17.07 2.64
CA GLY A 356 7.15 18.34 2.98
CA GLY A 356 7.12 18.33 3.01
CA GLY A 356 7.12 18.33 3.02
CA GLY A 356 7.12 18.31 3.04
C GLY A 356 7.30 19.24 1.76
C GLY A 356 7.28 19.23 1.78
C GLY A 356 7.25 19.24 1.82
C GLY A 356 7.27 19.22 1.84
N SER A 357 8.49 19.78 1.51
N SER A 357 8.50 19.71 1.55
N SER A 357 8.45 19.74 1.53
N SER A 357 8.49 19.70 1.56
CA SER A 357 8.74 20.62 0.33
CA SER A 357 8.82 20.58 0.40
CA SER A 357 8.73 20.61 0.37
CA SER A 357 8.75 20.57 0.40
C SER A 357 9.06 19.77 -0.91
C SER A 357 9.05 19.78 -0.88
C SER A 357 9.06 19.78 -0.88
C SER A 357 9.06 19.78 -0.86
N ALA A 358 9.11 18.45 -0.77
CA ALA A 358 9.38 17.57 -1.90
C ALA A 358 8.07 17.21 -2.63
N ARG A 359 8.23 16.68 -3.80
CA ARG A 359 7.09 16.36 -4.68
C ARG A 359 7.31 14.99 -5.27
N ILE A 360 6.31 14.14 -5.26
CA ILE A 360 6.35 12.83 -5.93
C ILE A 360 5.35 12.92 -7.09
N VAL A 361 5.82 12.60 -8.25
CA VAL A 361 4.97 12.65 -9.46
C VAL A 361 4.55 11.25 -9.87
N ILE A 362 3.24 11.04 -9.91
CA ILE A 362 2.65 9.79 -10.41
C ILE A 362 2.37 9.99 -11.90
N PRO A 363 3.05 9.30 -12.80
CA PRO A 363 2.74 9.44 -14.22
C PRO A 363 1.31 9.08 -14.50
N GLY A 364 0.75 9.72 -15.53
CA GLY A 364 -0.63 9.42 -15.94
C GLY A 364 -0.89 7.96 -16.20
N ASP A 365 0.09 7.28 -16.79
N ASP A 365 0.04 7.21 -16.79
N ASP A 365 0.09 7.29 -16.81
N ASP A 365 0.05 7.22 -16.79
CA ASP A 365 -0.17 5.88 -17.15
CA ASP A 365 -0.28 5.80 -17.13
CA ASP A 365 -0.07 5.85 -17.13
CA ASP A 365 -0.29 5.81 -17.14
C ASP A 365 -0.40 5.03 -15.89
C ASP A 365 -0.33 4.93 -15.87
C ASP A 365 -0.40 5.04 -15.88
C ASP A 365 -0.35 4.94 -15.87
N TYR A 366 0.15 5.43 -14.74
CA TYR A 366 -0.02 4.67 -13.49
C TYR A 366 -1.48 4.73 -13.06
N ILE A 367 -2.27 5.67 -13.55
CA ILE A 367 -3.63 5.95 -13.08
C ILE A 367 -4.62 5.20 -13.98
N ASP A 368 -4.15 4.49 -14.99
N ASP A 368 -4.17 4.53 -15.04
CA ASP A 368 -5.02 3.70 -15.88
CA ASP A 368 -5.06 3.78 -15.95
C ASP A 368 -5.15 2.27 -15.40
C ASP A 368 -5.16 2.32 -15.47
N PHE A 369 -6.35 1.92 -15.00
CA PHE A 369 -6.60 0.54 -14.57
C PHE A 369 -7.41 -0.25 -15.60
N GLY A 370 -7.44 0.19 -16.84
N GLY A 370 -7.44 0.19 -16.84
N GLY A 370 -7.47 0.28 -16.83
N GLY A 370 -7.47 0.28 -16.83
CA GLY A 370 -7.91 -0.67 -17.93
CA GLY A 370 -7.91 -0.67 -17.93
CA GLY A 370 -7.95 -0.41 -18.04
CA GLY A 370 -7.95 -0.41 -18.04
C GLY A 370 -9.42 -0.72 -17.99
C GLY A 370 -9.42 -0.72 -17.99
C GLY A 370 -9.44 -0.62 -17.99
C GLY A 370 -9.44 -0.62 -17.99
N PRO A 371 -9.88 -1.39 -19.04
N PRO A 371 -9.88 -1.39 -19.04
N PRO A 371 -9.95 -1.43 -18.91
N PRO A 371 -9.95 -1.43 -18.91
CA PRO A 371 -11.30 -1.51 -19.31
CA PRO A 371 -11.30 -1.51 -19.31
CA PRO A 371 -11.39 -1.56 -19.04
CA PRO A 371 -11.39 -1.56 -19.04
C PRO A 371 -12.00 -2.08 -18.08
C PRO A 371 -12.00 -2.08 -18.08
C PRO A 371 -12.18 -1.96 -17.80
C PRO A 371 -12.18 -1.96 -17.80
N ILE A 372 -13.21 -1.60 -17.83
N ILE A 372 -13.21 -1.60 -17.83
N ILE A 372 -13.38 -1.41 -17.72
N ILE A 372 -13.38 -1.41 -17.72
CA ILE A 372 -13.99 -1.97 -16.61
CA ILE A 372 -13.99 -1.97 -16.61
CA ILE A 372 -14.27 -1.70 -16.55
CA ILE A 372 -14.27 -1.71 -16.56
C ILE A 372 -14.42 -3.43 -16.68
C ILE A 372 -14.42 -3.43 -16.68
C ILE A 372 -14.73 -3.16 -16.66
C ILE A 372 -14.73 -3.16 -16.66
N SER A 373 -14.81 -3.86 -17.85
N SER A 373 -14.81 -3.86 -17.85
N SER A 373 -14.56 -3.77 -17.86
N SER A 373 -14.56 -3.77 -17.86
CA SER A 373 -15.10 -5.26 -18.11
CA SER A 373 -15.10 -5.26 -18.11
CA SER A 373 -14.91 -5.16 -18.23
CA SER A 373 -14.91 -5.16 -18.23
C SER A 373 -14.39 -5.55 -19.42
C SER A 373 -14.39 -5.55 -19.42
C SER A 373 -14.22 -5.52 -19.53
C SER A 373 -14.22 -5.52 -19.53
N THR A 374 -14.05 -6.81 -19.75
CA THR A 374 -13.32 -7.17 -20.90
C THR A 374 -13.93 -6.58 -22.19
N GLY A 375 -13.14 -5.91 -23.00
CA GLY A 375 -13.60 -5.35 -24.24
C GLY A 375 -14.27 -3.99 -24.18
N SER A 376 -14.43 -3.43 -22.97
N SER A 376 -14.43 -3.43 -22.97
N SER A 376 -14.45 -3.43 -22.96
N SER A 376 -14.45 -3.43 -22.96
CA SER A 376 -15.12 -2.13 -22.80
CA SER A 376 -15.12 -2.13 -22.81
CA SER A 376 -15.14 -2.14 -22.80
CA SER A 376 -15.14 -2.14 -22.80
C SER A 376 -14.19 -1.01 -23.23
C SER A 376 -14.18 -1.01 -23.23
C SER A 376 -14.19 -1.03 -23.23
C SER A 376 -14.19 -1.03 -23.23
N SER A 377 -14.76 0.08 -23.67
N SER A 377 -14.76 0.06 -23.71
N SER A 377 -14.75 0.04 -23.72
N SER A 377 -14.75 0.04 -23.72
CA SER A 377 -14.01 1.33 -23.88
CA SER A 377 -14.12 1.35 -23.99
CA SER A 377 -13.97 1.25 -24.03
CA SER A 377 -13.97 1.25 -24.03
C SER A 377 -14.21 2.32 -22.74
C SER A 377 -14.20 2.27 -22.78
C SER A 377 -14.06 2.22 -22.88
C SER A 377 -14.06 2.22 -22.88
N SER A 378 -14.84 1.93 -21.65
N SER A 378 -14.70 1.81 -21.65
N SER A 378 -14.70 1.87 -21.78
N SER A 378 -14.70 1.87 -21.78
CA SER A 378 -14.78 2.65 -20.35
CA SER A 378 -14.76 2.60 -20.41
CA SER A 378 -14.63 2.69 -20.56
CA SER A 378 -14.63 2.69 -20.56
C SER A 378 -13.63 2.07 -19.54
C SER A 378 -13.72 2.06 -19.43
C SER A 378 -13.59 2.06 -19.65
C SER A 378 -13.59 2.06 -19.66
N CYS A 379 -12.69 2.88 -19.14
N CYS A 379 -12.72 2.86 -19.15
N CYS A 379 -12.75 2.89 -19.09
N CYS A 379 -12.75 2.89 -19.09
CA CYS A 379 -11.56 2.44 -18.34
CA CYS A 379 -11.57 2.44 -18.35
CA CYS A 379 -11.60 2.43 -18.31
CA CYS A 379 -11.60 2.43 -18.31
C CYS A 379 -11.78 2.94 -16.92
C CYS A 379 -11.78 2.95 -16.93
C CYS A 379 -11.78 2.95 -16.90
C CYS A 379 -11.78 2.95 -16.90
N PHE A 380 -11.26 2.18 -15.99
N PHE A 380 -11.25 2.19 -16.00
N PHE A 380 -11.26 2.17 -15.98
N PHE A 380 -11.26 2.17 -15.99
CA PHE A 380 -11.38 2.50 -14.56
CA PHE A 380 -11.38 2.51 -14.57
CA PHE A 380 -11.39 2.50 -14.54
CA PHE A 380 -11.39 2.50 -14.54
C PHE A 380 -10.22 3.37 -14.06
C PHE A 380 -10.22 3.36 -14.07
C PHE A 380 -10.22 3.36 -14.05
C PHE A 380 -10.22 3.36 -14.05
N GLY A 381 -10.51 4.41 -13.28
CA GLY A 381 -9.47 5.30 -12.79
C GLY A 381 -8.71 4.80 -11.57
N GLY A 382 -7.46 5.19 -11.49
CA GLY A 382 -6.62 4.82 -10.38
C GLY A 382 -6.61 5.77 -9.22
N ILE A 383 -7.26 6.91 -9.36
CA ILE A 383 -7.47 7.89 -8.30
C ILE A 383 -8.97 7.91 -8.05
N GLN A 384 -9.39 7.68 -6.83
CA GLN A 384 -10.79 7.55 -6.47
C GLN A 384 -11.05 8.31 -5.20
N SER A 385 -12.31 8.62 -4.96
CA SER A 385 -12.69 9.35 -3.74
C SER A 385 -12.58 8.48 -2.50
N SER A 386 -12.08 9.03 -1.43
CA SER A 386 -12.09 8.39 -0.12
C SER A 386 -13.36 8.69 0.66
N ALA A 387 -14.39 9.29 0.03
N ALA A 387 -14.25 9.54 0.16
N ALA A 387 -14.39 9.30 0.04
N ALA A 387 -14.25 9.54 0.16
CA ALA A 387 -15.65 9.62 0.71
CA ALA A 387 -15.36 10.06 0.98
CA ALA A 387 -15.64 9.66 0.72
CA ALA A 387 -15.37 10.03 1.00
C ALA A 387 -16.37 8.33 1.06
C ALA A 387 -16.19 8.94 1.64
C ALA A 387 -16.37 8.37 1.06
C ALA A 387 -16.13 8.87 1.67
N GLY A 388 -16.66 8.16 2.35
N GLY A 388 -16.31 7.77 1.02
N GLY A 388 -16.65 8.19 2.33
N GLY A 388 -16.35 7.74 1.00
CA GLY A 388 -17.36 6.98 2.88
CA GLY A 388 -17.08 6.62 1.55
CA GLY A 388 -17.35 7.01 2.87
CA GLY A 388 -17.07 6.55 1.52
C GLY A 388 -16.37 5.96 3.40
C GLY A 388 -16.25 5.62 2.37
C GLY A 388 -16.37 6.01 3.43
C GLY A 388 -16.30 5.75 2.58
N ILE A 389 -15.09 6.07 3.05
N ILE A 389 -15.01 5.97 2.73
N ILE A 389 -15.09 6.08 3.04
N ILE A 389 -14.97 5.94 2.71
CA ILE A 389 -14.05 5.10 3.49
CA ILE A 389 -14.02 5.13 3.49
CA ILE A 389 -14.06 5.11 3.50
CA ILE A 389 -14.01 5.12 3.51
C ILE A 389 -13.53 5.60 4.86
C ILE A 389 -13.81 5.61 4.92
C ILE A 389 -13.55 5.60 4.86
C ILE A 389 -13.81 5.62 4.93
N GLY A 390 -13.60 6.92 5.12
CA GLY A 390 -13.27 7.51 6.41
C GLY A 390 -11.79 7.80 6.60
N ILE A 391 -10.95 7.46 5.60
CA ILE A 391 -9.51 7.78 5.62
C ILE A 391 -9.00 7.88 4.17
N ASN A 392 -8.04 8.72 3.99
CA ASN A 392 -7.35 8.81 2.70
C ASN A 392 -6.30 7.70 2.66
N ILE A 393 -6.09 7.14 1.50
CA ILE A 393 -5.19 5.97 1.37
C ILE A 393 -4.24 6.19 0.21
N PHE A 394 -2.97 6.28 0.53
CA PHE A 394 -1.89 6.31 -0.45
C PHE A 394 -1.54 4.86 -0.73
N GLY A 395 -2.30 4.24 -1.62
CA GLY A 395 -2.10 2.86 -2.03
C GLY A 395 -1.04 2.74 -3.12
N ASP A 396 -1.02 1.60 -3.74
CA ASP A 396 0.07 1.24 -4.65
C ASP A 396 0.25 2.23 -5.79
N VAL A 397 -0.83 2.80 -6.32
CA VAL A 397 -0.73 3.84 -7.38
C VAL A 397 0.23 4.94 -6.95
N ALA A 398 0.13 5.40 -5.75
CA ALA A 398 1.03 6.43 -5.24
C ALA A 398 2.38 5.85 -4.86
N LEU A 399 2.39 4.76 -4.09
CA LEU A 399 3.66 4.28 -3.53
C LEU A 399 4.60 3.81 -4.60
N LYS A 400 4.07 3.25 -5.70
N LYS A 400 4.10 3.26 -5.71
N LYS A 400 4.07 3.25 -5.70
N LYS A 400 4.10 3.26 -5.71
CA LYS A 400 4.94 2.69 -6.76
CA LYS A 400 5.02 2.70 -6.71
CA LYS A 400 4.94 2.69 -6.76
CA LYS A 400 5.02 2.70 -6.71
C LYS A 400 5.71 3.79 -7.46
C LYS A 400 5.71 3.81 -7.52
C LYS A 400 5.71 3.79 -7.46
C LYS A 400 5.71 3.81 -7.51
N ALA A 401 5.27 5.06 -7.36
CA ALA A 401 6.00 6.20 -7.92
C ALA A 401 7.17 6.60 -7.06
N ALA A 402 7.39 5.98 -5.92
CA ALA A 402 8.42 6.45 -4.97
C ALA A 402 9.21 5.24 -4.44
N PHE A 403 10.35 5.56 -3.86
CA PHE A 403 11.06 4.68 -2.92
C PHE A 403 10.60 5.09 -1.53
N VAL A 404 10.03 4.19 -0.77
CA VAL A 404 9.35 4.55 0.49
C VAL A 404 10.04 3.86 1.65
N VAL A 405 10.37 4.66 2.64
N VAL A 405 10.37 4.66 2.64
N VAL A 405 10.50 4.67 2.60
N VAL A 405 10.50 4.66 2.60
CA VAL A 405 11.07 4.19 3.85
CA VAL A 405 11.07 4.19 3.85
CA VAL A 405 11.07 4.17 3.88
CA VAL A 405 11.06 4.16 3.88
C VAL A 405 10.06 4.17 5.00
C VAL A 405 10.06 4.17 5.00
C VAL A 405 10.01 4.16 4.95
C VAL A 405 10.01 4.15 4.96
N PHE A 406 9.84 3.00 5.58
CA PHE A 406 9.00 2.83 6.77
C PHE A 406 9.97 2.74 7.92
N ASN A 407 10.11 3.84 8.66
N ASN A 407 10.11 3.84 8.66
N ASN A 407 10.20 3.87 8.59
N ASN A 407 10.20 3.87 8.59
CA ASN A 407 11.14 3.96 9.71
CA ASN A 407 11.14 3.96 9.71
CA ASN A 407 11.10 3.96 9.76
CA ASN A 407 11.08 3.95 9.78
C ASN A 407 10.47 3.67 11.04
C ASN A 407 10.47 3.67 11.04
C ASN A 407 10.34 3.60 11.03
C ASN A 407 10.32 3.60 11.05
N GLY A 408 10.71 2.47 11.60
CA GLY A 408 10.11 2.02 12.87
C GLY A 408 10.98 2.29 14.06
N ALA A 409 11.74 3.34 14.08
N ALA A 409 11.74 3.34 14.08
N ALA A 409 11.82 3.33 14.00
N ALA A 409 11.78 3.37 14.03
CA ALA A 409 12.38 3.78 15.33
CA ALA A 409 12.38 3.78 15.33
CA ALA A 409 12.65 3.88 15.10
CA ALA A 409 12.58 3.94 15.14
C ALA A 409 11.30 4.08 16.39
C ALA A 409 11.30 4.08 16.39
C ALA A 409 11.74 4.47 16.18
C ALA A 409 11.65 4.55 16.20
N THR A 410 11.74 4.34 17.61
N THR A 410 11.74 4.34 17.61
N THR A 410 12.29 4.79 17.36
N THR A 410 12.20 4.96 17.34
CA THR A 410 10.82 4.57 18.74
CA THR A 410 10.82 4.57 18.74
CA THR A 410 11.47 5.18 18.54
CA THR A 410 11.39 5.36 18.53
C THR A 410 9.80 5.66 18.36
C THR A 410 9.80 5.66 18.36
C THR A 410 10.47 6.26 18.10
C THR A 410 10.43 6.48 18.11
N THR A 411 10.27 6.75 17.72
N THR A 411 10.27 6.74 17.73
N THR A 411 10.91 7.19 17.24
N THR A 411 10.90 7.40 17.27
CA THR A 411 9.41 7.71 16.99
CA THR A 411 9.41 7.71 16.99
CA THR A 411 10.04 8.23 16.63
CA THR A 411 10.05 8.38 16.55
C THR A 411 9.42 7.34 15.51
C THR A 411 9.42 7.33 15.52
C THR A 411 9.81 7.93 15.15
C THR A 411 9.86 7.86 15.13
N PRO A 412 8.38 6.63 15.02
N PRO A 412 8.38 6.62 15.03
N PRO A 412 8.68 7.29 14.80
N PRO A 412 8.69 7.30 14.79
CA PRO A 412 8.35 6.27 13.60
CA PRO A 412 8.34 6.26 13.62
CA PRO A 412 8.53 6.75 13.45
CA PRO A 412 8.52 6.77 13.45
C PRO A 412 8.21 7.48 12.68
C PRO A 412 8.21 7.47 12.70
C PRO A 412 8.36 7.86 12.40
C PRO A 412 8.36 7.88 12.40
N THR A 413 8.75 7.33 11.48
N THR A 413 8.76 7.32 11.49
N THR A 413 8.86 7.60 11.21
N THR A 413 8.87 7.58 11.20
CA THR A 413 8.56 8.33 10.39
CA THR A 413 8.60 8.33 10.42
CA THR A 413 8.70 8.52 10.05
CA THR A 413 8.76 8.50 10.05
C THR A 413 8.40 7.56 9.08
C THR A 413 8.49 7.59 9.09
C THR A 413 8.53 7.69 8.77
C THR A 413 8.55 7.67 8.78
N LEU A 414 7.89 8.24 8.07
N LEU A 414 8.25 8.36 8.05
N LEU A 414 8.02 8.36 7.73
N LEU A 414 8.01 8.34 7.77
CA LEU A 414 7.99 7.74 6.67
CA LEU A 414 7.98 7.81 6.70
CA LEU A 414 8.06 7.84 6.34
CA LEU A 414 7.97 7.86 6.37
C LEU A 414 8.99 8.59 5.91
C LEU A 414 8.76 8.66 5.70
C LEU A 414 9.08 8.66 5.57
C LEU A 414 9.00 8.65 5.59
N GLY A 415 9.62 8.01 4.90
N GLY A 415 9.62 8.03 4.90
N GLY A 415 9.91 8.01 4.77
N GLY A 415 9.85 7.97 4.82
CA GLY A 415 10.43 8.75 3.93
CA GLY A 415 10.44 8.74 3.92
CA GLY A 415 10.78 8.68 3.81
CA GLY A 415 10.74 8.64 3.88
C GLY A 415 10.00 8.45 2.51
C GLY A 415 10.00 8.45 2.49
C GLY A 415 10.28 8.42 2.42
C GLY A 415 10.25 8.39 2.47
N PHE A 416 10.10 9.45 1.62
N PHE A 416 10.10 9.45 1.62
N PHE A 416 10.02 9.47 1.66
N PHE A 416 9.99 9.45 1.72
CA PHE A 416 9.79 9.29 0.19
CA PHE A 416 9.79 9.30 0.18
CA PHE A 416 9.70 9.35 0.23
CA PHE A 416 9.67 9.32 0.28
C PHE A 416 10.91 9.86 -0.65
C PHE A 416 10.91 9.86 -0.66
C PHE A 416 10.88 9.89 -0.57
C PHE A 416 10.83 9.87 -0.52
N ALA A 417 11.36 9.09 -1.64
N ALA A 417 11.35 9.10 -1.66
N ALA A 417 11.21 9.20 -1.68
N ALA A 417 11.21 9.18 -1.60
CA ALA A 417 12.26 9.62 -2.68
CA ALA A 417 12.26 9.62 -2.70
CA ALA A 417 12.19 9.64 -2.69
CA ALA A 417 12.17 9.64 -2.63
C ALA A 417 11.69 9.29 -4.04
C ALA A 417 11.71 9.29 -4.08
C ALA A 417 11.62 9.28 -4.08
C ALA A 417 11.57 9.34 -4.01
N SER A 418 12.01 10.14 -4.99
N SER A 418 12.03 10.14 -5.02
CA SER A 418 11.75 9.79 -6.39
CA SER A 418 11.85 9.82 -6.44
C SER A 418 12.72 8.66 -6.81
C SER A 418 12.75 8.63 -6.80
N LYS A 419 12.43 8.01 -7.93
CA LYS A 419 13.28 6.92 -8.40
C LYS A 419 13.22 6.77 -9.90
C1 GOL B . -19.18 2.01 -22.10
C1 GOL B . -19.17 2.01 -22.12
O1 GOL B . -18.17 1.77 -23.07
O1 GOL B . -18.16 1.75 -23.08
C2 GOL B . -19.80 0.73 -21.57
C2 GOL B . -19.79 0.74 -21.57
O2 GOL B . -18.93 -0.39 -21.77
O2 GOL B . -18.94 -0.40 -21.77
C3 GOL B . -20.22 0.89 -20.11
C3 GOL B . -20.19 0.92 -20.11
O3 GOL B . -19.98 -0.26 -19.31
O3 GOL B . -20.14 -0.28 -19.34
C ACT C . -19.13 0.73 -21.42
C ACT C . -19.13 0.73 -21.43
O ACT C . -18.45 1.52 -22.15
O ACT C . -18.45 1.52 -22.15
OXT ACT C . -18.99 -0.54 -21.42
OXT ACT C . -18.99 -0.54 -21.42
CH3 ACT C . -20.27 1.33 -20.58
CH3 ACT C . -20.29 1.33 -20.61
S DMS D . -15.63 -10.66 -0.85
O DMS D . -14.41 -11.40 -0.32
C1 DMS D . -15.25 -8.93 -0.75
C2 DMS D . -16.85 -10.69 0.43
C1 GOL E . -9.01 19.34 -19.13
O1 GOL E . -8.00 19.76 -20.04
C2 GOL E . -10.41 19.58 -19.63
O2 GOL E . -11.07 18.34 -19.92
C3 GOL E . -11.26 20.43 -18.75
O3 GOL E . -12.26 21.05 -19.53
C4 RDM F . 10.12 14.45 10.44
C4 RDM F . 10.12 14.45 10.45
C5 RDM F . 11.22 13.74 11.20
C5 RDM F . 11.23 13.74 11.20
C6 RDM F . 11.15 13.47 12.56
C6 RDM F . 11.15 13.47 12.57
C7 RDM F . 12.20 12.88 13.23
C7 RDM F . 12.20 12.88 13.23
C8 RDM F . 13.34 12.52 12.55
C8 RDM F . 13.34 12.53 12.54
C9 RDM F . 13.43 12.76 11.20
C9 RDM F . 13.42 12.77 11.20
C10 RDM F . 12.37 13.36 10.53
C10 RDM F . 12.37 13.35 10.54
C11 RDM F . 7.95 16.47 10.32
C11 RDM F . 7.95 16.46 10.33
O2 RDM F . 7.09 15.88 9.64
O2 RDM F . 7.10 15.88 9.63
O1 RDM F . 7.79 16.89 11.51
O1 RDM F . 7.78 16.90 11.51
C2 RDM F . 9.30 16.75 9.65
C2 RDM F . 9.30 16.76 9.66
N RDM F . 9.28 16.41 8.23
N RDM F . 9.28 16.40 8.24
C1 RDM F . 8.52 17.06 7.30
C1 RDM F . 8.52 17.06 7.30
O RDM F . 8.43 16.66 6.12
O RDM F . 8.43 16.66 6.12
C RDM F . 7.85 18.29 7.76
C RDM F . 7.85 18.28 7.75
C3 RDM F . 10.40 15.96 10.37
C3 RDM F . 10.40 15.96 10.37
C1 GOL G . 9.54 8.41 -10.17
O1 GOL G . 9.66 8.97 -8.86
C2 GOL G . 8.16 8.60 -10.73
O2 GOL G . 7.95 10.01 -10.87
C3 GOL G . 8.00 7.84 -12.04
O3 GOL G . 8.90 8.33 -13.01
C1 GOL H . -12.29 12.69 2.92
C1 GOL H . -12.04 12.53 2.63
O1 GOL H . -12.84 14.01 2.82
O1 GOL H . -13.09 11.76 2.06
C2 GOL H . -12.31 12.16 4.32
C2 GOL H . -11.70 12.06 4.02
O2 GOL H . -13.65 12.03 4.80
O2 GOL H . -12.31 12.92 4.98
C3 GOL H . -11.59 10.83 4.44
C3 GOL H . -12.09 10.61 4.25
O3 GOL H . -12.38 9.79 3.91
O3 GOL H . -13.49 10.45 4.46
C1 GOL I . -15.85 16.45 -19.72
O1 GOL I . -15.25 16.24 -20.98
C2 GOL I . -15.36 15.41 -18.75
O2 GOL I . -16.47 14.67 -18.24
C3 GOL I . -14.48 16.01 -17.66
O3 GOL I . -14.35 15.11 -16.58
C ACT J . -6.47 1.33 -21.54
O ACT J . -6.33 2.60 -21.86
OXT ACT J . -5.98 0.76 -20.51
CH3 ACT J . -7.30 0.41 -22.44
O1 PG4 K . -11.13 -1.32 -6.88
C1 PG4 K . -10.02 -2.13 -6.56
C2 PG4 K . -8.86 -1.92 -7.50
O2 PG4 K . -9.11 -2.59 -8.73
C3 PG4 K . -8.28 -2.12 -9.79
C4 PG4 K . -8.55 -2.92 -11.02
O3 PG4 K . -9.70 -2.39 -11.70
C5 PG4 K . -10.08 -3.15 -12.84
C6 PG4 K . -11.36 -2.60 -13.38
O4 PG4 K . -12.43 -3.02 -12.54
C7 PG4 K . -13.62 -2.24 -12.69
C8 PG4 K . -14.57 -2.56 -11.59
O5 PG4 K . -14.24 -1.90 -10.40
NA NA L . -11.93 -3.48 -9.43
#